data_9AZJ
#
_entry.id   9AZJ
#
_cell.length_a   66.828
_cell.length_b   101.447
_cell.length_c   144.140
_cell.angle_alpha   90.000
_cell.angle_beta   90.000
_cell.angle_gamma   90.000
#
_symmetry.space_group_name_H-M   'P 21 21 21'
#
loop_
_entity.id
_entity.type
_entity.pdbx_description
1 polymer 'NF-kappa-B essential modulator'
2 polymer 'E3 ubiquitin-protein ligase RNF31'
3 polymer Ubiquitin
4 non-polymer 'ZINC ION'
#
loop_
_entity_poly.entity_id
_entity_poly.type
_entity_poly.pdbx_seq_one_letter_code
_entity_poly.pdbx_strand_id
1 'polypeptide(L)'
;GMQLEDLKQQLQQAEEALVAKQEVIDKLCEEAEQHKIVMETVPVLKAQADIYKADFQAERQAREKLAEKKELLQEQLEQL
QREYSKLKASCQESARIEDMRKRHVEVS
;
A,B,C,D
2 'polypeptide(L)' RGRWACQSCTFENEAAAVLCSICERPRLA E,G
3 'polypeptide(L)' MQIFVKTLTGKTITLEVEPSDTIENVKAKIQDKEGIPPDQQRLIFAGKQLEDGRTLSDYNIQKESTLHLVLRLRGC F,S,Z
#
# COMPACT_ATOMS: atom_id res chain seq x y z
N GLN A 3 -53.70 -0.24 3.46
CA GLN A 3 -52.31 -0.52 3.82
C GLN A 3 -51.48 -0.83 2.58
N LEU A 4 -52.16 -1.22 1.50
CA LEU A 4 -51.46 -1.63 0.29
C LEU A 4 -50.73 -0.46 -0.36
N GLU A 5 -51.30 0.74 -0.29
CA GLU A 5 -50.71 1.90 -0.93
C GLU A 5 -49.33 2.24 -0.36
N ASP A 6 -49.00 1.71 0.82
CA ASP A 6 -47.64 1.87 1.33
C ASP A 6 -46.67 0.95 0.59
N LEU A 7 -47.15 -0.17 0.06
CA LEU A 7 -46.29 -1.04 -0.74
C LEU A 7 -46.00 -0.43 -2.10
N LYS A 8 -46.95 0.33 -2.66
CA LYS A 8 -46.65 1.11 -3.85
C LYS A 8 -45.60 2.17 -3.56
N GLN A 9 -45.58 2.70 -2.34
CA GLN A 9 -44.48 3.53 -1.89
C GLN A 9 -43.28 2.71 -1.44
N GLN A 10 -43.39 1.38 -1.44
CA GLN A 10 -42.31 0.49 -1.04
C GLN A 10 -41.66 -0.18 -2.24
N LEU A 11 -42.45 -0.89 -3.05
CA LEU A 11 -41.91 -1.59 -4.20
C LEU A 11 -41.30 -0.62 -5.21
N GLN A 12 -41.91 0.55 -5.39
CA GLN A 12 -41.33 1.56 -6.26
C GLN A 12 -39.95 1.97 -5.79
N GLN A 13 -39.72 1.97 -4.47
CA GLN A 13 -38.38 2.24 -3.96
C GLN A 13 -37.45 1.06 -4.23
N ALA A 14 -37.98 -0.17 -4.10
CA ALA A 14 -37.15 -1.35 -4.37
C ALA A 14 -36.73 -1.42 -5.82
N GLU A 15 -37.65 -1.10 -6.74
CA GLU A 15 -37.30 -1.08 -8.15
C GLU A 15 -36.24 -0.01 -8.45
N GLU A 16 -36.37 1.15 -7.80
CA GLU A 16 -35.36 2.20 -7.97
C GLU A 16 -34.02 1.78 -7.38
N ALA A 17 -34.02 0.97 -6.32
CA ALA A 17 -32.78 0.49 -5.74
C ALA A 17 -32.11 -0.57 -6.59
N LEU A 18 -32.90 -1.42 -7.25
CA LEU A 18 -32.32 -2.41 -8.17
C LEU A 18 -31.61 -1.74 -9.33
N VAL A 19 -32.22 -0.68 -9.88
CA VAL A 19 -31.58 0.07 -10.96
C VAL A 19 -30.30 0.71 -10.48
N ALA A 20 -30.29 1.20 -9.24
CA ALA A 20 -29.09 1.79 -8.67
C ALA A 20 -27.99 0.75 -8.52
N LYS A 21 -28.33 -0.43 -7.98
CA LYS A 21 -27.35 -1.51 -7.84
C LYS A 21 -26.79 -1.91 -9.20
N GLN A 22 -27.65 -2.05 -10.21
CA GLN A 22 -27.18 -2.41 -11.55
C GLN A 22 -26.28 -1.32 -12.12
N GLU A 23 -26.59 -0.06 -11.84
CA GLU A 23 -25.72 1.03 -12.29
C GLU A 23 -24.36 0.95 -11.61
N VAL A 24 -24.33 0.54 -10.34
CA VAL A 24 -23.06 0.34 -9.64
C VAL A 24 -22.29 -0.82 -10.27
N ILE A 25 -22.99 -1.91 -10.59
CA ILE A 25 -22.34 -3.08 -11.17
C ILE A 25 -21.69 -2.72 -12.50
N ASP A 26 -22.44 -2.04 -13.37
CA ASP A 26 -21.90 -1.65 -14.67
C ASP A 26 -20.70 -0.73 -14.53
N LYS A 27 -20.68 0.09 -13.48
CA LYS A 27 -19.51 0.93 -13.21
C LYS A 27 -18.30 0.07 -12.84
N LEU A 28 -18.48 -0.89 -11.94
CA LEU A 28 -17.38 -1.73 -11.51
C LEU A 28 -16.82 -2.53 -12.68
N CYS A 29 -17.69 -3.03 -13.56
CA CYS A 29 -17.23 -3.84 -14.68
C CYS A 29 -16.39 -3.03 -15.65
N GLU A 30 -16.79 -1.78 -15.91
CA GLU A 30 -15.98 -0.90 -16.76
C GLU A 30 -14.61 -0.64 -16.14
N GLU A 31 -14.58 -0.43 -14.81
CA GLU A 31 -13.31 -0.19 -14.14
C GLU A 31 -12.40 -1.41 -14.24
N ALA A 32 -12.98 -2.62 -14.21
CA ALA A 32 -12.19 -3.83 -14.27
C ALA A 32 -11.51 -3.97 -15.62
N GLU A 33 -12.21 -3.64 -16.70
CA GLU A 33 -11.60 -3.71 -18.03
C GLU A 33 -10.47 -2.70 -18.17
N GLN A 34 -10.59 -1.53 -17.53
CA GLN A 34 -9.49 -0.57 -17.57
C GLN A 34 -8.32 -1.06 -16.73
N HIS A 35 -8.58 -1.80 -15.65
CA HIS A 35 -7.50 -2.36 -14.85
C HIS A 35 -6.74 -3.43 -15.63
N LYS A 36 -7.46 -4.22 -16.44
CA LYS A 36 -6.82 -5.31 -17.18
C LYS A 36 -5.70 -4.80 -18.08
N ILE A 37 -5.80 -3.56 -18.54
CA ILE A 37 -4.73 -2.97 -19.35
C ILE A 37 -3.43 -2.93 -18.55
N VAL A 38 -3.50 -2.44 -17.31
CA VAL A 38 -2.30 -2.29 -16.50
C VAL A 38 -1.73 -3.65 -16.14
N MET A 39 -2.57 -4.55 -15.64
CA MET A 39 -2.11 -5.88 -15.27
C MET A 39 -1.56 -6.66 -16.46
N GLU A 40 -1.94 -6.29 -17.69
CA GLU A 40 -1.35 -6.91 -18.87
C GLU A 40 0.06 -6.38 -19.14
N THR A 41 0.42 -5.21 -18.59
CA THR A 41 1.79 -4.76 -18.68
C THR A 41 2.71 -5.48 -17.72
N VAL A 42 2.16 -6.19 -16.73
CA VAL A 42 2.99 -6.87 -15.73
C VAL A 42 3.92 -7.90 -16.36
N PRO A 43 3.45 -8.86 -17.16
CA PRO A 43 4.39 -9.87 -17.69
C PRO A 43 5.40 -9.29 -18.67
N VAL A 44 5.02 -8.24 -19.40
CA VAL A 44 5.94 -7.60 -20.34
C VAL A 44 7.17 -7.09 -19.60
N LEU A 45 6.97 -6.40 -18.48
CA LEU A 45 8.10 -5.85 -17.73
C LEU A 45 8.92 -6.96 -17.09
N LYS A 46 8.26 -8.03 -16.63
CA LYS A 46 9.01 -9.16 -16.09
C LYS A 46 9.87 -9.82 -17.17
N ALA A 47 9.38 -9.85 -18.41
CA ALA A 47 10.18 -10.40 -19.50
C ALA A 47 11.34 -9.49 -19.84
N GLN A 48 11.10 -8.17 -19.87
CA GLN A 48 12.17 -7.23 -20.15
C GLN A 48 13.30 -7.35 -19.15
N ALA A 49 12.97 -7.49 -17.86
CA ALA A 49 13.99 -7.62 -16.83
C ALA A 49 14.81 -8.89 -17.03
N ASP A 50 14.13 -10.00 -17.38
CA ASP A 50 14.85 -11.24 -17.63
C ASP A 50 15.79 -11.10 -18.81
N ILE A 51 15.39 -10.33 -19.82
CA ILE A 51 16.25 -10.11 -20.98
C ILE A 51 17.49 -9.31 -20.59
N TYR A 52 17.28 -8.16 -19.93
CA TYR A 52 18.40 -7.31 -19.56
C TYR A 52 19.31 -8.00 -18.55
N LYS A 53 18.75 -8.81 -17.65
CA LYS A 53 19.58 -9.54 -16.71
C LYS A 53 20.41 -10.61 -17.41
N ALA A 54 19.79 -11.33 -18.35
CA ALA A 54 20.52 -12.35 -19.11
C ALA A 54 21.64 -11.72 -19.94
N ASP A 55 21.33 -10.61 -20.62
CA ASP A 55 22.35 -9.95 -21.42
C ASP A 55 23.48 -9.40 -20.56
N PHE A 56 23.16 -8.96 -19.34
CA PHE A 56 24.19 -8.49 -18.43
C PHE A 56 25.10 -9.62 -17.99
N GLN A 57 24.51 -10.75 -17.58
CA GLN A 57 25.32 -11.90 -17.18
C GLN A 57 26.19 -12.40 -18.32
N ALA A 58 25.75 -12.24 -19.56
CA ALA A 58 26.59 -12.59 -20.70
C ALA A 58 27.77 -11.63 -20.81
N GLU A 59 27.52 -10.33 -20.64
CA GLU A 59 28.58 -9.34 -20.72
C GLU A 59 29.56 -9.50 -19.57
N ARG A 60 29.07 -9.86 -18.39
CA ARG A 60 29.95 -10.16 -17.26
C ARG A 60 30.90 -11.30 -17.61
N GLN A 61 30.33 -12.44 -18.00
CA GLN A 61 31.14 -13.61 -18.35
C GLN A 61 32.13 -13.29 -19.46
N ALA A 62 31.70 -12.51 -20.46
CA ALA A 62 32.61 -12.12 -21.53
C ALA A 62 33.73 -11.23 -21.02
N ARG A 63 33.41 -10.30 -20.11
CA ARG A 63 34.43 -9.42 -19.56
C ARG A 63 35.45 -10.18 -18.73
N GLU A 64 35.04 -11.27 -18.08
CA GLU A 64 35.96 -12.05 -17.28
C GLU A 64 36.92 -12.84 -18.17
N LYS A 65 36.38 -13.62 -19.11
CA LYS A 65 37.23 -14.42 -19.99
C LYS A 65 38.14 -13.52 -20.83
N LEU A 66 37.67 -12.33 -21.19
CA LEU A 66 38.53 -11.37 -21.87
C LEU A 66 39.67 -10.90 -20.98
N ALA A 67 39.39 -10.71 -19.69
CA ALA A 67 40.38 -10.18 -18.76
C ALA A 67 41.55 -11.15 -18.61
N GLU A 68 41.28 -12.38 -18.19
CA GLU A 68 42.36 -13.36 -18.04
C GLU A 68 43.04 -13.68 -19.37
N LYS A 69 42.34 -13.50 -20.48
CA LYS A 69 43.00 -13.57 -21.79
C LYS A 69 44.01 -12.45 -21.94
N LYS A 70 43.67 -11.24 -21.49
CA LYS A 70 44.59 -10.12 -21.62
C LYS A 70 45.77 -10.26 -20.67
N GLU A 71 45.55 -10.80 -19.47
CA GLU A 71 46.65 -11.05 -18.55
C GLU A 71 47.60 -12.10 -19.12
N LEU A 72 47.05 -13.11 -19.81
CA LEU A 72 47.90 -14.11 -20.45
C LEU A 72 48.68 -13.49 -21.60
N LEU A 73 48.07 -12.58 -22.35
CA LEU A 73 48.78 -11.86 -23.40
C LEU A 73 49.86 -10.96 -22.80
N GLN A 74 49.65 -10.47 -21.59
CA GLN A 74 50.65 -9.63 -20.93
C GLN A 74 51.89 -10.42 -20.59
N GLU A 75 51.73 -11.51 -19.82
CA GLU A 75 52.87 -12.32 -19.42
C GLU A 75 53.58 -12.91 -20.63
N GLN A 76 52.84 -13.25 -21.69
CA GLN A 76 53.47 -13.69 -22.93
C GLN A 76 54.25 -12.55 -23.56
N LEU A 77 53.72 -11.33 -23.50
CA LEU A 77 54.42 -10.18 -24.05
C LEU A 77 55.69 -9.87 -23.26
N GLU A 78 55.56 -9.74 -21.94
CA GLU A 78 56.71 -9.42 -21.10
C GLU A 78 57.78 -10.50 -21.19
N GLN A 79 57.37 -11.75 -21.41
CA GLN A 79 58.36 -12.82 -21.61
C GLN A 79 59.07 -12.65 -22.96
N LEU A 80 58.36 -12.16 -23.98
CA LEU A 80 59.02 -11.84 -25.23
C LEU A 80 60.00 -10.69 -25.06
N GLN A 81 59.66 -9.72 -24.21
CA GLN A 81 60.60 -8.66 -23.90
C GLN A 81 61.90 -9.21 -23.32
N ARG A 82 61.79 -10.23 -22.45
CA ARG A 82 62.97 -10.84 -21.87
C ARG A 82 63.77 -11.60 -22.92
N GLU A 83 63.12 -12.50 -23.66
CA GLU A 83 63.77 -13.28 -24.72
C GLU A 83 64.22 -12.41 -25.89
N TYR A 84 64.00 -11.11 -25.84
CA TYR A 84 64.43 -10.17 -26.88
C TYR A 84 65.62 -9.34 -26.44
N SER A 85 65.53 -8.67 -25.29
CA SER A 85 66.67 -7.93 -24.76
C SER A 85 67.85 -8.83 -24.46
N LYS A 86 67.58 -10.12 -24.19
CA LYS A 86 68.65 -11.08 -23.99
C LYS A 86 69.21 -11.59 -25.32
N LEU A 87 68.44 -11.49 -26.40
CA LEU A 87 68.86 -12.00 -27.70
C LEU A 87 69.97 -11.14 -28.30
N LEU B 4 -53.98 -8.18 -4.20
CA LEU B 4 -54.00 -9.43 -3.45
C LEU B 4 -52.64 -9.73 -2.85
N GLU B 5 -52.43 -10.99 -2.46
CA GLU B 5 -51.14 -11.40 -1.91
C GLU B 5 -50.06 -11.48 -2.98
N ASP B 6 -50.44 -11.56 -4.25
CA ASP B 6 -49.45 -11.60 -5.33
C ASP B 6 -48.61 -10.34 -5.39
N LEU B 7 -49.09 -9.24 -4.81
CA LEU B 7 -48.28 -8.04 -4.68
C LEU B 7 -47.11 -8.28 -3.73
N LYS B 8 -47.39 -8.91 -2.59
CA LYS B 8 -46.31 -9.29 -1.68
C LYS B 8 -45.38 -10.31 -2.30
N GLN B 9 -45.90 -11.15 -3.20
CA GLN B 9 -45.03 -12.04 -3.95
C GLN B 9 -44.12 -11.27 -4.89
N GLN B 10 -44.61 -10.16 -5.45
CA GLN B 10 -43.76 -9.30 -6.28
C GLN B 10 -42.67 -8.63 -5.46
N LEU B 11 -42.96 -8.29 -4.21
CA LEU B 11 -41.96 -7.63 -3.36
C LEU B 11 -40.89 -8.64 -2.93
N GLN B 12 -41.33 -9.79 -2.39
CA GLN B 12 -40.38 -10.83 -2.00
C GLN B 12 -39.49 -11.25 -3.16
N GLN B 13 -40.03 -11.26 -4.38
CA GLN B 13 -39.20 -11.56 -5.54
C GLN B 13 -38.15 -10.49 -5.77
N ALA B 14 -38.53 -9.21 -5.62
CA ALA B 14 -37.58 -8.13 -5.80
C ALA B 14 -36.50 -8.15 -4.72
N GLU B 15 -36.88 -8.47 -3.48
CA GLU B 15 -35.91 -8.54 -2.40
C GLU B 15 -34.88 -9.63 -2.66
N GLU B 16 -35.31 -10.76 -3.22
CA GLU B 16 -34.37 -11.83 -3.55
C GLU B 16 -33.45 -11.44 -4.69
N ALA B 17 -33.94 -10.67 -5.65
CA ALA B 17 -33.08 -10.22 -6.74
C ALA B 17 -32.05 -9.20 -6.26
N LEU B 18 -32.37 -8.43 -5.22
CA LEU B 18 -31.38 -7.51 -4.67
C LEU B 18 -30.24 -8.27 -4.00
N VAL B 19 -30.55 -9.40 -3.37
CA VAL B 19 -29.49 -10.24 -2.79
C VAL B 19 -28.56 -10.73 -3.89
N ALA B 20 -29.10 -11.07 -5.05
CA ALA B 20 -28.28 -11.53 -6.16
C ALA B 20 -27.35 -10.44 -6.65
N LYS B 21 -27.84 -9.19 -6.71
CA LYS B 21 -26.99 -8.09 -7.16
C LYS B 21 -25.89 -7.81 -6.15
N GLN B 22 -26.21 -7.83 -4.85
CA GLN B 22 -25.19 -7.62 -3.84
C GLN B 22 -24.12 -8.71 -3.89
N GLU B 23 -24.51 -9.94 -4.21
CA GLU B 23 -23.53 -10.99 -4.46
C GLU B 23 -22.53 -10.58 -5.52
N VAL B 24 -23.04 -10.08 -6.65
CA VAL B 24 -22.16 -9.68 -7.75
C VAL B 24 -21.25 -8.54 -7.30
N ILE B 25 -21.81 -7.56 -6.60
CA ILE B 25 -21.01 -6.41 -6.16
C ILE B 25 -19.90 -6.87 -5.21
N ASP B 26 -20.24 -7.76 -4.27
CA ASP B 26 -19.24 -8.24 -3.31
C ASP B 26 -18.13 -9.01 -4.00
N LYS B 27 -18.48 -9.84 -4.99
CA LYS B 27 -17.46 -10.56 -5.75
C LYS B 27 -16.59 -9.58 -6.53
N LEU B 28 -17.21 -8.57 -7.15
CA LEU B 28 -16.46 -7.63 -7.96
C LEU B 28 -15.53 -6.77 -7.11
N CYS B 29 -15.98 -6.34 -5.93
CA CYS B 29 -15.11 -5.55 -5.06
C CYS B 29 -14.01 -6.42 -4.46
N GLU B 30 -14.30 -7.69 -4.18
CA GLU B 30 -13.26 -8.60 -3.71
C GLU B 30 -12.19 -8.81 -4.79
N GLU B 31 -12.62 -8.92 -6.05
CA GLU B 31 -11.65 -9.01 -7.14
C GLU B 31 -10.94 -7.68 -7.35
N ALA B 32 -11.64 -6.56 -7.15
CA ALA B 32 -11.06 -5.26 -7.40
C ALA B 32 -9.88 -4.98 -6.47
N GLU B 33 -9.97 -5.44 -5.22
CA GLU B 33 -8.85 -5.24 -4.30
C GLU B 33 -7.62 -6.02 -4.74
N GLN B 34 -7.82 -7.19 -5.34
CA GLN B 34 -6.70 -7.95 -5.87
C GLN B 34 -6.10 -7.27 -7.09
N HIS B 35 -6.95 -6.70 -7.95
CA HIS B 35 -6.46 -5.92 -9.08
C HIS B 35 -5.65 -4.72 -8.60
N LYS B 36 -6.13 -4.04 -7.56
CA LYS B 36 -5.40 -2.93 -6.97
C LYS B 36 -4.00 -3.35 -6.54
N ILE B 37 -3.87 -4.57 -6.01
CA ILE B 37 -2.57 -5.04 -5.54
C ILE B 37 -1.63 -5.26 -6.72
N VAL B 38 -2.10 -5.94 -7.76
CA VAL B 38 -1.24 -6.26 -8.90
C VAL B 38 -0.83 -4.98 -9.62
N MET B 39 -1.77 -4.04 -9.81
CA MET B 39 -1.43 -2.78 -10.44
C MET B 39 -0.43 -1.98 -9.62
N GLU B 40 -0.48 -2.12 -8.29
CA GLU B 40 0.50 -1.44 -7.44
C GLU B 40 1.91 -1.97 -7.64
N THR B 41 2.06 -3.17 -8.20
CA THR B 41 3.39 -3.74 -8.42
C THR B 41 4.05 -3.21 -9.69
N VAL B 42 3.28 -2.61 -10.60
CA VAL B 42 3.81 -2.24 -11.91
C VAL B 42 4.98 -1.27 -11.82
N PRO B 43 4.89 -0.14 -11.12
CA PRO B 43 6.02 0.81 -11.13
C PRO B 43 7.30 0.22 -10.55
N VAL B 44 7.20 -0.74 -9.63
CA VAL B 44 8.41 -1.38 -9.12
C VAL B 44 9.02 -2.28 -10.19
N LEU B 45 8.18 -3.00 -10.93
CA LEU B 45 8.67 -3.82 -12.04
C LEU B 45 9.31 -2.95 -13.12
N LYS B 46 8.72 -1.77 -13.38
CA LYS B 46 9.33 -0.83 -14.31
C LYS B 46 10.69 -0.37 -13.79
N ALA B 47 10.79 -0.10 -12.48
CA ALA B 47 12.06 0.33 -11.92
C ALA B 47 13.11 -0.77 -12.02
N GLN B 48 12.70 -2.02 -11.79
CA GLN B 48 13.63 -3.14 -11.93
C GLN B 48 14.21 -3.21 -13.34
N ALA B 49 13.35 -3.14 -14.35
CA ALA B 49 13.81 -3.18 -15.74
C ALA B 49 14.82 -2.07 -16.02
N ASP B 50 14.54 -0.87 -15.51
CA ASP B 50 15.48 0.24 -15.68
C ASP B 50 16.81 -0.06 -14.98
N ILE B 51 16.76 -0.74 -13.84
CA ILE B 51 17.98 -1.08 -13.12
C ILE B 51 18.80 -2.09 -13.93
N TYR B 52 18.14 -3.14 -14.42
CA TYR B 52 18.85 -4.18 -15.16
C TYR B 52 19.39 -3.65 -16.48
N LYS B 53 18.67 -2.72 -17.12
CA LYS B 53 19.20 -2.10 -18.33
C LYS B 53 20.45 -1.27 -18.02
N ALA B 54 20.45 -0.56 -16.90
CA ALA B 54 21.60 0.24 -16.53
C ALA B 54 22.81 -0.64 -16.24
N ASP B 55 22.63 -1.67 -15.42
CA ASP B 55 23.73 -2.57 -15.09
C ASP B 55 24.26 -3.25 -16.36
N PHE B 56 23.36 -3.59 -17.28
CA PHE B 56 23.78 -4.24 -18.52
C PHE B 56 24.62 -3.30 -19.39
N GLN B 57 24.10 -2.10 -19.66
CA GLN B 57 24.83 -1.14 -20.48
C GLN B 57 26.17 -0.76 -19.86
N ALA B 58 26.22 -0.70 -18.53
CA ALA B 58 27.49 -0.41 -17.86
C ALA B 58 28.50 -1.51 -18.11
N GLU B 59 28.09 -2.77 -17.96
CA GLU B 59 29.00 -3.89 -18.17
C GLU B 59 29.42 -3.99 -19.63
N ARG B 60 28.51 -3.68 -20.55
CA ARG B 60 28.86 -3.71 -21.97
C ARG B 60 29.88 -2.62 -22.31
N GLN B 61 29.64 -1.39 -21.83
CA GLN B 61 30.56 -0.29 -22.09
C GLN B 61 31.95 -0.60 -21.53
N ALA B 62 32.01 -1.15 -20.31
CA ALA B 62 33.30 -1.52 -19.74
C ALA B 62 33.96 -2.62 -20.56
N ARG B 63 33.19 -3.57 -21.07
CA ARG B 63 33.76 -4.62 -21.89
C ARG B 63 34.30 -4.07 -23.21
N GLU B 64 33.55 -3.17 -23.85
CA GLU B 64 34.02 -2.55 -25.08
C GLU B 64 35.35 -1.83 -24.86
N LYS B 65 35.49 -1.15 -23.73
CA LYS B 65 36.75 -0.47 -23.42
C LYS B 65 37.87 -1.47 -23.22
N LEU B 66 37.60 -2.55 -22.48
CA LEU B 66 38.62 -3.56 -22.24
C LEU B 66 39.02 -4.27 -23.53
N ALA B 67 38.04 -4.63 -24.35
CA ALA B 67 38.33 -5.32 -25.59
C ALA B 67 39.19 -4.45 -26.51
N GLU B 68 38.95 -3.14 -26.51
CA GLU B 68 39.79 -2.24 -27.31
C GLU B 68 41.23 -2.23 -26.80
N LYS B 69 41.40 -2.27 -25.49
CA LYS B 69 42.75 -2.28 -24.92
C LYS B 69 43.48 -3.58 -25.24
N LYS B 70 42.77 -4.71 -25.18
CA LYS B 70 43.40 -5.99 -25.48
C LYS B 70 43.83 -6.08 -26.94
N GLU B 71 42.94 -5.67 -27.86
CA GLU B 71 43.28 -5.70 -29.28
C GLU B 71 44.52 -4.85 -29.58
N LEU B 72 44.69 -3.75 -28.84
CA LEU B 72 45.91 -2.96 -28.99
C LEU B 72 47.13 -3.75 -28.50
N LEU B 73 46.98 -4.51 -27.42
CA LEU B 73 48.06 -5.35 -26.94
C LEU B 73 48.39 -6.45 -27.95
N GLN B 74 47.36 -6.95 -28.65
CA GLN B 74 47.62 -7.92 -29.71
C GLN B 74 48.44 -7.29 -30.84
N GLU B 75 48.16 -6.02 -31.15
CA GLU B 75 48.96 -5.32 -32.15
C GLU B 75 50.39 -5.10 -31.67
N GLN B 76 50.59 -5.03 -30.36
CA GLN B 76 51.94 -4.83 -29.81
C GLN B 76 52.75 -6.11 -29.87
N LEU B 77 52.17 -7.22 -29.40
CA LEU B 77 52.87 -8.51 -29.47
C LEU B 77 53.16 -8.89 -30.92
N GLU B 78 52.21 -8.64 -31.82
CA GLU B 78 52.45 -8.87 -33.24
C GLU B 78 53.45 -7.88 -33.82
N GLN B 79 53.66 -6.74 -33.16
CA GLN B 79 54.60 -5.75 -33.68
C GLN B 79 56.04 -6.20 -33.45
N LEU B 80 56.37 -6.57 -32.21
CA LEU B 80 57.73 -7.05 -31.96
C LEU B 80 57.95 -8.47 -32.47
N GLN B 81 56.89 -9.27 -32.57
CA GLN B 81 57.01 -10.53 -33.29
C GLN B 81 57.31 -10.28 -34.75
N ARG B 82 56.85 -9.15 -35.29
CA ARG B 82 57.29 -8.69 -36.61
C ARG B 82 58.62 -7.97 -36.55
N GLU B 83 59.09 -7.61 -35.35
CA GLU B 83 60.40 -6.99 -35.18
C GLU B 83 61.45 -7.92 -34.62
N TYR B 84 61.05 -8.96 -33.87
CA TYR B 84 61.99 -9.97 -33.43
C TYR B 84 62.67 -10.67 -34.60
N SER B 85 62.05 -10.64 -35.77
CA SER B 85 62.66 -11.13 -37.00
C SER B 85 63.95 -10.38 -37.28
N LYS B 86 65.01 -10.73 -36.55
CA LYS B 86 66.30 -10.04 -36.70
C LYS B 86 67.43 -10.95 -36.24
N GLN C 9 -19.96 47.39 3.13
CA GLN C 9 -19.55 46.61 1.96
C GLN C 9 -18.13 46.07 2.13
N GLN C 10 -18.03 44.85 2.64
CA GLN C 10 -16.75 44.16 2.76
C GLN C 10 -16.36 43.42 1.48
N LEU C 11 -16.93 43.81 0.34
CA LEU C 11 -16.63 43.15 -0.92
C LEU C 11 -15.14 43.27 -1.27
N GLN C 12 -14.59 44.48 -1.13
CA GLN C 12 -13.16 44.67 -1.35
C GLN C 12 -12.35 43.80 -0.40
N GLN C 13 -12.79 43.70 0.86
CA GLN C 13 -12.14 42.80 1.80
C GLN C 13 -12.30 41.35 1.37
N ALA C 14 -13.46 41.01 0.80
CA ALA C 14 -13.69 39.65 0.33
C ALA C 14 -13.04 39.40 -1.02
N GLU C 15 -13.09 40.38 -1.91
CA GLU C 15 -12.45 40.22 -3.22
C GLU C 15 -10.93 40.14 -3.09
N GLU C 16 -10.36 40.84 -2.09
CA GLU C 16 -8.92 40.71 -1.85
C GLU C 16 -8.59 39.40 -1.16
N ALA C 17 -9.41 38.99 -0.20
CA ALA C 17 -9.09 37.79 0.58
C ALA C 17 -9.19 36.53 -0.26
N LEU C 18 -10.11 36.49 -1.23
CA LEU C 18 -10.18 35.31 -2.11
C LEU C 18 -8.94 35.20 -2.98
N VAL C 19 -8.37 36.35 -3.38
CA VAL C 19 -7.07 36.32 -4.07
C VAL C 19 -5.99 35.82 -3.13
N ALA C 20 -6.10 36.14 -1.84
CA ALA C 20 -5.11 35.68 -0.87
C ALA C 20 -5.17 34.16 -0.69
N LYS C 21 -6.38 33.60 -0.65
CA LYS C 21 -6.51 32.15 -0.55
C LYS C 21 -6.02 31.47 -1.81
N GLN C 22 -6.27 32.08 -2.98
CA GLN C 22 -5.72 31.54 -4.22
C GLN C 22 -4.20 31.58 -4.22
N GLU C 23 -3.59 32.55 -3.51
CA GLU C 23 -2.15 32.53 -3.33
C GLU C 23 -1.72 31.36 -2.46
N VAL C 24 -2.55 30.97 -1.50
CA VAL C 24 -2.21 29.84 -0.63
C VAL C 24 -2.23 28.54 -1.43
N ILE C 25 -3.21 28.36 -2.31
CA ILE C 25 -3.28 27.14 -3.10
C ILE C 25 -2.16 27.11 -4.14
N ASP C 26 -1.70 28.28 -4.59
CA ASP C 26 -0.56 28.32 -5.50
C ASP C 26 0.69 27.77 -4.81
N LYS C 27 0.91 28.15 -3.55
CA LYS C 27 2.06 27.63 -2.81
C LYS C 27 1.92 26.15 -2.54
N LEU C 28 0.69 25.68 -2.27
CA LEU C 28 0.49 24.27 -1.97
C LEU C 28 0.77 23.40 -3.19
N CYS C 29 0.41 23.87 -4.39
CA CYS C 29 0.68 23.10 -5.60
C CYS C 29 2.17 23.09 -5.94
N GLU C 30 2.84 24.24 -5.75
CA GLU C 30 4.28 24.29 -5.99
C GLU C 30 5.03 23.33 -5.08
N GLU C 31 4.70 23.34 -3.79
CA GLU C 31 5.29 22.38 -2.86
C GLU C 31 4.87 20.95 -3.19
N ALA C 32 3.66 20.77 -3.71
CA ALA C 32 3.22 19.43 -4.07
C ALA C 32 4.05 18.85 -5.20
N GLU C 33 4.41 19.69 -6.19
CA GLU C 33 5.24 19.22 -7.29
C GLU C 33 6.64 18.87 -6.82
N GLN C 34 7.19 19.68 -5.90
CA GLN C 34 8.49 19.36 -5.33
C GLN C 34 8.45 18.04 -4.56
N HIS C 35 7.34 17.79 -3.85
CA HIS C 35 7.17 16.52 -3.16
C HIS C 35 7.06 15.36 -4.15
N LYS C 36 6.33 15.57 -5.25
CA LYS C 36 6.14 14.51 -6.24
C LYS C 36 7.47 14.03 -6.80
N ILE C 37 8.42 14.95 -6.99
CA ILE C 37 9.75 14.57 -7.46
C ILE C 37 10.44 13.65 -6.47
N VAL C 38 10.33 13.96 -5.17
CA VAL C 38 10.96 13.15 -4.15
C VAL C 38 10.29 11.79 -4.05
N MET C 39 8.96 11.76 -4.13
CA MET C 39 8.23 10.49 -4.00
C MET C 39 8.49 9.54 -5.17
N GLU C 40 8.98 10.05 -6.31
CA GLU C 40 9.26 9.20 -7.45
C GLU C 40 10.37 8.19 -7.17
N THR C 41 11.20 8.44 -6.16
CA THR C 41 12.30 7.54 -5.86
C THR C 41 11.85 6.26 -5.16
N VAL C 42 10.64 6.24 -4.60
CA VAL C 42 10.19 5.09 -3.82
C VAL C 42 10.21 3.79 -4.64
N PRO C 43 9.64 3.73 -5.85
CA PRO C 43 9.69 2.46 -6.59
C PRO C 43 11.10 1.99 -6.90
N VAL C 44 12.05 2.91 -7.08
CA VAL C 44 13.42 2.50 -7.36
C VAL C 44 14.05 1.84 -6.14
N LEU C 45 13.81 2.42 -4.96
CA LEU C 45 14.34 1.82 -3.73
C LEU C 45 13.70 0.46 -3.45
N LYS C 46 12.40 0.34 -3.72
CA LYS C 46 11.74 -0.96 -3.55
C LYS C 46 12.29 -1.98 -4.53
N ALA C 47 12.44 -1.59 -5.80
CA ALA C 47 12.98 -2.50 -6.80
C ALA C 47 14.39 -2.93 -6.45
N GLN C 48 15.23 -1.98 -6.01
CA GLN C 48 16.60 -2.31 -5.63
C GLN C 48 16.62 -3.29 -4.47
N ALA C 49 15.76 -3.08 -3.48
CA ALA C 49 15.70 -3.98 -2.33
C ALA C 49 15.27 -5.38 -2.75
N ASP C 50 14.28 -5.47 -3.65
CA ASP C 50 13.82 -6.78 -4.12
C ASP C 50 14.92 -7.50 -4.88
N ILE C 51 15.75 -6.77 -5.62
CA ILE C 51 16.85 -7.40 -6.36
C ILE C 51 17.85 -8.01 -5.39
N TYR C 52 18.34 -7.22 -4.43
CA TYR C 52 19.33 -7.72 -3.49
C TYR C 52 18.78 -8.85 -2.64
N LYS C 53 17.48 -8.82 -2.32
CA LYS C 53 16.89 -9.93 -1.59
C LYS C 53 16.86 -11.20 -2.44
N ALA C 54 16.57 -11.07 -3.73
CA ALA C 54 16.60 -12.23 -4.62
C ALA C 54 18.02 -12.75 -4.77
N ASP C 55 18.98 -11.86 -4.98
CA ASP C 55 20.37 -12.27 -5.14
C ASP C 55 20.91 -12.92 -3.88
N PHE C 56 20.47 -12.43 -2.71
CA PHE C 56 20.88 -13.05 -1.45
C PHE C 56 20.33 -14.47 -1.33
N GLN C 57 19.04 -14.64 -1.60
CA GLN C 57 18.44 -15.97 -1.52
C GLN C 57 19.03 -16.91 -2.56
N ALA C 58 19.49 -16.37 -3.69
CA ALA C 58 20.17 -17.21 -4.67
C ALA C 58 21.51 -17.71 -4.14
N GLU C 59 22.28 -16.83 -3.50
CA GLU C 59 23.55 -17.24 -2.92
C GLU C 59 23.34 -18.21 -1.76
N ARG C 60 22.37 -17.93 -0.88
CA ARG C 60 22.09 -18.83 0.23
C ARG C 60 21.63 -20.19 -0.29
N GLN C 61 20.80 -20.20 -1.32
CA GLN C 61 20.38 -21.47 -1.94
C GLN C 61 21.58 -22.27 -2.42
N ALA C 62 22.51 -21.60 -3.12
CA ALA C 62 23.68 -22.29 -3.63
C ALA C 62 24.57 -22.77 -2.50
N ARG C 63 24.69 -21.99 -1.42
CA ARG C 63 25.57 -22.38 -0.32
C ARG C 63 25.03 -23.58 0.43
N GLU C 64 23.70 -23.65 0.60
CA GLU C 64 23.10 -24.81 1.28
C GLU C 64 23.42 -26.10 0.54
N LYS C 65 23.28 -26.08 -0.80
CA LYS C 65 23.59 -27.27 -1.57
C LYS C 65 25.08 -27.61 -1.54
N LEU C 66 25.93 -26.59 -1.41
CA LEU C 66 27.36 -26.84 -1.25
C LEU C 66 27.68 -27.48 0.09
N ALA C 67 27.06 -26.97 1.17
CA ALA C 67 27.32 -27.53 2.50
C ALA C 67 26.84 -28.97 2.59
N GLU C 68 25.70 -29.28 1.96
CA GLU C 68 25.20 -30.65 1.98
C GLU C 68 26.12 -31.58 1.20
N LYS C 69 26.77 -31.08 0.15
CA LYS C 69 27.73 -31.89 -0.59
C LYS C 69 28.99 -32.12 0.22
N LYS C 70 29.47 -31.08 0.91
CA LYS C 70 30.68 -31.22 1.73
C LYS C 70 30.43 -32.14 2.91
N GLU C 71 29.32 -31.95 3.62
CA GLU C 71 29.01 -32.80 4.77
C GLU C 71 28.87 -34.26 4.36
N LEU C 72 28.39 -34.51 3.13
CA LEU C 72 28.34 -35.88 2.64
C LEU C 72 29.75 -36.42 2.37
N LEU C 73 30.66 -35.55 1.91
CA LEU C 73 32.02 -35.98 1.66
C LEU C 73 32.82 -36.13 2.95
N GLN C 74 32.66 -35.18 3.88
CA GLN C 74 33.31 -35.33 5.18
C GLN C 74 32.80 -36.57 5.92
N GLU C 75 31.57 -37.01 5.61
CA GLU C 75 31.10 -38.28 6.13
C GLU C 75 31.81 -39.44 5.44
N GLN C 76 32.08 -39.32 4.14
CA GLN C 76 32.82 -40.35 3.44
C GLN C 76 34.23 -40.50 3.97
N LEU C 77 34.83 -39.42 4.46
CA LEU C 77 36.13 -39.50 5.10
C LEU C 77 36.04 -40.09 6.50
N GLU C 78 34.95 -39.79 7.22
CA GLU C 78 34.76 -40.35 8.55
C GLU C 78 34.62 -41.86 8.50
N GLN C 79 33.84 -42.37 7.54
CA GLN C 79 33.67 -43.81 7.40
C GLN C 79 34.95 -44.46 6.90
N LEU C 80 35.50 -43.93 5.80
CA LEU C 80 36.74 -44.46 5.25
C LEU C 80 37.93 -44.10 6.13
N GLN C 81 37.87 -44.46 7.40
CA GLN C 81 38.93 -44.16 8.36
C GLN C 81 38.74 -45.00 9.62
N GLN D 13 -24.14 36.27 -0.88
CA GLN D 13 -23.39 35.49 -1.86
C GLN D 13 -21.89 35.76 -1.74
N ALA D 14 -21.44 36.11 -0.54
CA ALA D 14 -20.02 36.35 -0.31
C ALA D 14 -19.25 35.04 -0.23
N GLU D 15 -19.79 34.04 0.47
CA GLU D 15 -19.14 32.75 0.59
C GLU D 15 -19.22 31.92 -0.69
N GLU D 16 -19.93 32.41 -1.71
CA GLU D 16 -20.18 31.68 -2.95
C GLU D 16 -18.92 31.04 -3.52
N ALA D 17 -17.77 31.69 -3.34
CA ALA D 17 -16.49 31.12 -3.72
C ALA D 17 -15.50 31.00 -2.58
N LEU D 18 -15.74 31.67 -1.44
CA LEU D 18 -14.81 31.58 -0.32
C LEU D 18 -14.83 30.19 0.30
N VAL D 19 -16.02 29.62 0.51
CA VAL D 19 -16.11 28.27 1.04
C VAL D 19 -15.55 27.27 0.04
N ALA D 20 -15.71 27.54 -1.26
CA ALA D 20 -15.13 26.65 -2.27
C ALA D 20 -13.61 26.66 -2.19
N LYS D 21 -13.00 27.82 -1.95
CA LYS D 21 -11.57 27.89 -1.77
C LYS D 21 -11.12 27.12 -0.54
N GLN D 22 -11.85 27.27 0.56
CA GLN D 22 -11.52 26.53 1.77
C GLN D 22 -11.63 25.03 1.55
N GLU D 23 -12.58 24.60 0.71
CA GLU D 23 -12.72 23.18 0.40
C GLU D 23 -11.51 22.67 -0.37
N VAL D 24 -11.04 23.43 -1.36
CA VAL D 24 -9.86 23.02 -2.12
C VAL D 24 -8.63 23.01 -1.22
N ILE D 25 -8.53 23.98 -0.31
CA ILE D 25 -7.38 24.04 0.59
C ILE D 25 -7.37 22.83 1.52
N ASP D 26 -8.53 22.47 2.07
CA ASP D 26 -8.59 21.37 3.03
C ASP D 26 -8.23 20.04 2.37
N LYS D 27 -8.67 19.82 1.13
CA LYS D 27 -8.31 18.58 0.44
C LYS D 27 -6.83 18.56 0.09
N LEU D 28 -6.22 19.74 -0.10
CA LEU D 28 -4.78 19.79 -0.35
C LEU D 28 -3.98 19.61 0.93
N CYS D 29 -4.55 19.98 2.08
CA CYS D 29 -3.88 19.69 3.35
C CYS D 29 -3.87 18.19 3.62
N GLU D 30 -4.96 17.50 3.28
CA GLU D 30 -4.97 16.05 3.41
C GLU D 30 -3.98 15.39 2.45
N GLU D 31 -3.87 15.94 1.23
CA GLU D 31 -2.87 15.47 0.30
C GLU D 31 -1.47 15.71 0.84
N ALA D 32 -1.25 16.84 1.52
CA ALA D 32 0.06 17.15 2.07
C ALA D 32 0.44 16.16 3.16
N GLU D 33 -0.53 15.78 4.00
CA GLU D 33 -0.24 14.80 5.05
C GLU D 33 0.11 13.45 4.47
N GLN D 34 -0.57 13.05 3.38
CA GLN D 34 -0.23 11.80 2.72
C GLN D 34 1.16 11.87 2.09
N HIS D 35 1.50 13.02 1.51
CA HIS D 35 2.85 13.19 0.95
C HIS D 35 3.91 13.11 2.04
N LYS D 36 3.65 13.78 3.18
CA LYS D 36 4.60 13.74 4.28
C LYS D 36 4.81 12.32 4.79
N ILE D 37 3.80 11.47 4.66
CA ILE D 37 3.95 10.07 5.05
C ILE D 37 4.92 9.35 4.11
N VAL D 38 4.70 9.50 2.80
CA VAL D 38 5.51 8.77 1.82
C VAL D 38 6.97 9.19 1.92
N MET D 39 7.22 10.50 1.91
CA MET D 39 8.60 10.99 2.01
C MET D 39 9.25 10.57 3.33
N GLU D 40 8.44 10.36 4.38
CA GLU D 40 8.98 9.90 5.66
C GLU D 40 9.49 8.47 5.57
N THR D 41 8.94 7.67 4.65
CA THR D 41 9.40 6.30 4.48
C THR D 41 10.62 6.19 3.58
N VAL D 42 10.95 7.25 2.84
CA VAL D 42 12.02 7.16 1.85
C VAL D 42 13.36 6.76 2.46
N PRO D 43 13.88 7.43 3.49
CA PRO D 43 15.21 7.04 4.00
C PRO D 43 15.22 5.64 4.58
N VAL D 44 14.07 5.16 5.07
CA VAL D 44 13.98 3.80 5.56
C VAL D 44 14.15 2.79 4.44
N LEU D 45 13.56 3.06 3.28
CA LEU D 45 13.74 2.19 2.13
C LEU D 45 15.19 2.16 1.67
N LYS D 46 15.86 3.32 1.70
CA LYS D 46 17.26 3.38 1.31
C LYS D 46 18.12 2.55 2.26
N ALA D 47 17.89 2.71 3.57
CA ALA D 47 18.63 1.89 4.54
C ALA D 47 18.37 0.41 4.32
N GLN D 48 17.12 0.04 4.00
CA GLN D 48 16.81 -1.35 3.72
C GLN D 48 17.56 -1.85 2.49
N ALA D 49 17.62 -1.03 1.43
CA ALA D 49 18.33 -1.43 0.23
C ALA D 49 19.81 -1.63 0.51
N ASP D 50 20.43 -0.72 1.28
CA ASP D 50 21.84 -0.87 1.61
C ASP D 50 22.08 -2.08 2.51
N ILE D 51 21.14 -2.40 3.37
CA ILE D 51 21.29 -3.59 4.23
C ILE D 51 21.24 -4.86 3.40
N TYR D 52 20.26 -4.95 2.49
CA TYR D 52 20.13 -6.14 1.66
C TYR D 52 21.35 -6.35 0.78
N LYS D 53 21.93 -5.25 0.29
CA LYS D 53 23.18 -5.35 -0.47
C LYS D 53 24.30 -5.91 0.40
N ALA D 54 24.40 -5.44 1.63
CA ALA D 54 25.45 -5.93 2.53
C ALA D 54 25.27 -7.41 2.85
N ASP D 55 24.04 -7.81 3.19
CA ASP D 55 23.79 -9.21 3.50
C ASP D 55 24.00 -10.10 2.28
N PHE D 56 23.72 -9.57 1.08
CA PHE D 56 23.99 -10.33 -0.13
C PHE D 56 25.49 -10.50 -0.35
N GLN D 57 26.24 -9.39 -0.29
CA GLN D 57 27.69 -9.47 -0.45
C GLN D 57 28.30 -10.39 0.60
N ALA D 58 27.81 -10.32 1.84
CA ALA D 58 28.35 -11.18 2.89
C ALA D 58 28.01 -12.64 2.62
N GLU D 59 26.82 -12.91 2.07
CA GLU D 59 26.44 -14.30 1.81
C GLU D 59 27.23 -14.87 0.64
N ARG D 60 27.55 -14.05 -0.36
CA ARG D 60 28.41 -14.52 -1.44
C ARG D 60 29.83 -14.78 -0.92
N GLN D 61 30.35 -13.89 -0.08
CA GLN D 61 31.68 -14.10 0.49
C GLN D 61 31.71 -15.35 1.34
N ALA D 62 30.69 -15.54 2.18
CA ALA D 62 30.64 -16.74 3.03
C ALA D 62 30.50 -18.01 2.19
N ARG D 63 29.85 -17.92 1.03
CA ARG D 63 29.73 -19.09 0.17
C ARG D 63 31.07 -19.44 -0.48
N GLU D 64 31.81 -18.43 -0.95
CA GLU D 64 33.10 -18.68 -1.57
C GLU D 64 34.11 -19.23 -0.57
N LYS D 65 34.10 -18.71 0.66
CA LYS D 65 34.93 -19.28 1.70
C LYS D 65 34.56 -20.72 2.00
N LEU D 66 33.28 -21.06 1.86
CA LEU D 66 32.85 -22.44 2.02
C LEU D 66 33.28 -23.31 0.85
N ALA D 67 33.09 -22.80 -0.37
CA ALA D 67 33.50 -23.54 -1.56
C ALA D 67 35.00 -23.84 -1.52
N GLU D 68 35.79 -22.92 -0.97
CA GLU D 68 37.21 -23.18 -0.77
C GLU D 68 37.41 -24.26 0.29
N LYS D 69 36.86 -24.04 1.49
CA LYS D 69 37.07 -24.92 2.62
C LYS D 69 36.58 -26.36 2.37
N LYS D 70 35.84 -26.60 1.30
CA LYS D 70 35.42 -27.94 0.91
C LYS D 70 36.19 -28.48 -0.29
N GLU D 71 36.26 -27.70 -1.37
CA GLU D 71 37.00 -28.13 -2.56
C GLU D 71 38.48 -28.30 -2.26
N LEU D 72 39.02 -27.52 -1.31
CA LEU D 72 40.39 -27.74 -0.88
C LEU D 72 40.49 -29.02 -0.04
N LEU D 73 39.50 -29.25 0.84
CA LEU D 73 39.45 -30.48 1.61
C LEU D 73 39.17 -31.71 0.75
N GLN D 74 38.77 -31.50 -0.52
CA GLN D 74 38.62 -32.64 -1.43
C GLN D 74 39.96 -33.31 -1.67
N GLU D 75 41.06 -32.56 -1.59
CA GLU D 75 42.39 -33.16 -1.69
C GLU D 75 42.65 -34.11 -0.53
N GLN D 76 42.02 -33.88 0.62
CA GLN D 76 42.17 -34.79 1.74
C GLN D 76 41.49 -36.13 1.45
N LEU D 77 40.36 -36.10 0.74
CA LEU D 77 39.72 -37.35 0.33
C LEU D 77 40.55 -38.10 -0.70
N GLU D 78 41.46 -37.41 -1.39
CA GLU D 78 42.42 -38.08 -2.26
C GLU D 78 43.64 -38.58 -1.49
N GLN D 79 43.95 -37.95 -0.35
CA GLN D 79 45.03 -38.44 0.50
C GLN D 79 44.68 -39.79 1.09
N LEU D 80 43.53 -39.87 1.77
CA LEU D 80 43.02 -41.14 2.30
C LEU D 80 42.50 -42.07 1.21
N GLN D 81 42.72 -41.71 -0.06
CA GLN D 81 42.44 -42.60 -1.19
C GLN D 81 43.65 -43.41 -1.61
N ARG D 82 44.84 -43.06 -1.12
CA ARG D 82 46.03 -43.84 -1.45
C ARG D 82 46.04 -45.18 -0.72
N GLU D 83 45.42 -45.26 0.45
CA GLU D 83 45.35 -46.49 1.20
C GLU D 83 44.33 -47.45 0.59
N ARG E 3 -23.61 39.17 14.52
CA ARG E 3 -22.60 38.26 15.04
C ARG E 3 -22.79 36.84 14.52
N TRP E 4 -21.69 36.09 14.41
CA TRP E 4 -21.75 34.70 14.02
C TRP E 4 -20.72 33.90 14.81
N ALA E 5 -21.15 32.74 15.30
CA ALA E 5 -20.27 31.83 16.02
C ALA E 5 -19.61 30.87 15.04
N CYS E 6 -18.29 30.76 15.12
CA CYS E 6 -17.56 29.87 14.23
C CYS E 6 -17.95 28.42 14.49
N GLN E 7 -18.21 27.68 13.41
CA GLN E 7 -18.67 26.30 13.56
C GLN E 7 -17.54 25.32 13.82
N SER E 8 -16.29 25.78 13.86
CA SER E 8 -15.14 24.92 14.16
C SER E 8 -14.55 25.19 15.54
N CYS E 9 -14.54 26.43 15.99
CA CYS E 9 -13.99 26.76 17.30
C CYS E 9 -14.92 27.58 18.18
N THR E 10 -16.17 27.81 17.76
CA THR E 10 -17.20 28.50 18.53
C THR E 10 -16.83 29.93 18.89
N PHE E 11 -15.94 30.57 18.12
CA PHE E 11 -15.64 31.98 18.36
C PHE E 11 -16.78 32.84 17.81
N GLU E 12 -17.28 33.73 18.66
CA GLU E 12 -18.37 34.64 18.30
C GLU E 12 -17.77 35.87 17.63
N ASN E 13 -17.92 35.97 16.31
CA ASN E 13 -17.29 37.03 15.55
C ASN E 13 -18.22 38.22 15.36
N GLU E 14 -17.65 39.33 14.90
CA GLU E 14 -18.45 40.48 14.51
C GLU E 14 -19.28 40.14 13.28
N ALA E 15 -20.37 40.90 13.10
CA ALA E 15 -21.26 40.65 11.97
C ALA E 15 -20.55 40.92 10.64
N ALA E 16 -19.72 41.96 10.59
CA ALA E 16 -19.03 42.31 9.36
C ALA E 16 -17.87 41.37 9.05
N ALA E 17 -17.45 40.54 10.01
CA ALA E 17 -16.32 39.65 9.80
C ALA E 17 -16.66 38.58 8.77
N VAL E 18 -15.81 38.44 7.76
CA VAL E 18 -15.98 37.40 6.75
C VAL E 18 -15.31 36.09 7.19
N LEU E 19 -14.10 36.18 7.72
CA LEU E 19 -13.39 35.03 8.27
C LEU E 19 -13.40 35.09 9.78
N CYS E 20 -13.26 33.93 10.42
CA CYS E 20 -13.11 33.90 11.86
C CYS E 20 -11.81 34.58 12.25
N SER E 21 -11.86 35.39 13.32
CA SER E 21 -10.70 36.19 13.70
C SER E 21 -9.53 35.33 14.14
N ILE E 22 -9.76 34.10 14.55
CA ILE E 22 -8.73 33.27 15.16
C ILE E 22 -8.31 32.11 14.26
N CYS E 23 -9.25 31.51 13.52
CA CYS E 23 -8.93 30.37 12.67
C CYS E 23 -9.09 30.69 11.18
N GLU E 24 -9.51 31.91 10.85
CA GLU E 24 -9.61 32.39 9.47
C GLU E 24 -10.58 31.60 8.61
N ARG E 25 -11.37 30.71 9.20
CA ARG E 25 -12.32 29.96 8.38
C ARG E 25 -13.51 30.85 8.03
N PRO E 26 -14.09 30.67 6.84
CA PRO E 26 -15.15 31.56 6.39
C PRO E 26 -16.37 31.55 7.32
N ARG E 27 -17.22 32.56 7.15
CA ARG E 27 -18.36 32.75 8.04
C ARG E 27 -19.35 31.60 7.93
N LEU E 28 -19.51 31.03 6.74
CA LEU E 28 -20.46 29.96 6.51
C LEU E 28 -19.82 28.58 6.47
N ALA E 29 -18.53 28.49 6.81
CA ALA E 29 -17.84 27.21 6.81
C ALA E 29 -18.28 26.35 7.99
N MET F 1 -8.07 20.42 39.16
CA MET F 1 -9.13 19.70 38.46
C MET F 1 -8.69 19.30 37.05
N GLN F 2 -9.36 18.29 36.50
CA GLN F 2 -9.08 17.80 35.16
C GLN F 2 -9.99 18.51 34.16
N ILE F 3 -9.39 19.00 33.07
CA ILE F 3 -10.12 19.75 32.05
C ILE F 3 -9.86 19.12 30.69
N PHE F 4 -10.64 19.56 29.70
CA PHE F 4 -10.61 19.02 28.35
C PHE F 4 -10.37 20.14 27.35
N VAL F 5 -9.59 19.84 26.31
CA VAL F 5 -9.28 20.80 25.25
C VAL F 5 -9.76 20.21 23.93
N LYS F 6 -10.58 20.98 23.22
CA LYS F 6 -11.23 20.52 21.99
C LYS F 6 -10.52 21.11 20.78
N THR F 7 -10.18 20.26 19.81
CA THR F 7 -9.46 20.67 18.62
C THR F 7 -10.39 20.74 17.42
N LEU F 8 -9.85 21.25 16.31
CA LEU F 8 -10.62 21.35 15.08
C LEU F 8 -10.89 19.98 14.45
N THR F 9 -10.14 18.95 14.84
CA THR F 9 -10.27 17.62 14.25
C THR F 9 -11.11 16.68 15.10
N GLY F 10 -11.86 17.20 16.06
CA GLY F 10 -12.69 16.36 16.90
C GLY F 10 -11.97 15.65 18.02
N LYS F 11 -10.68 15.94 18.24
CA LYS F 11 -9.93 15.30 19.32
C LYS F 11 -10.06 16.12 20.60
N THR F 12 -10.22 15.43 21.72
CA THR F 12 -10.31 16.04 23.03
C THR F 12 -9.20 15.49 23.90
N ILE F 13 -8.38 16.37 24.46
CA ILE F 13 -7.24 15.97 25.28
C ILE F 13 -7.55 16.29 26.74
N THR F 14 -7.00 15.47 27.64
CA THR F 14 -7.20 15.64 29.07
C THR F 14 -5.95 16.28 29.67
N LEU F 15 -6.17 17.27 30.55
CA LEU F 15 -5.07 17.99 31.17
C LEU F 15 -5.24 18.01 32.68
N GLU F 16 -4.10 17.96 33.37
CA GLU F 16 -4.04 18.20 34.81
C GLU F 16 -3.49 19.59 35.03
N VAL F 17 -4.30 20.47 35.62
CA VAL F 17 -3.95 21.88 35.81
C VAL F 17 -4.25 22.28 37.25
N GLU F 18 -3.79 23.48 37.59
CA GLU F 18 -4.13 24.16 38.82
C GLU F 18 -5.03 25.36 38.51
N PRO F 19 -5.96 25.71 39.41
CA PRO F 19 -6.71 26.95 39.21
C PRO F 19 -5.82 28.18 39.17
N SER F 20 -4.64 28.11 39.80
CA SER F 20 -3.66 29.18 39.75
C SER F 20 -2.81 29.16 38.49
N ASP F 21 -2.95 28.14 37.64
CA ASP F 21 -2.16 28.08 36.43
C ASP F 21 -2.59 29.15 35.44
N THR F 22 -1.62 29.70 34.72
CA THR F 22 -1.92 30.67 33.68
C THR F 22 -2.35 29.97 32.41
N ILE F 23 -2.95 30.75 31.49
CA ILE F 23 -3.17 30.26 30.14
C ILE F 23 -1.84 29.87 29.52
N GLU F 24 -0.79 30.65 29.80
CA GLU F 24 0.56 30.28 29.41
C GLU F 24 0.97 28.95 30.04
N ASN F 25 0.54 28.70 31.28
CA ASN F 25 0.86 27.46 31.95
C ASN F 25 0.13 26.28 31.31
N VAL F 26 -1.14 26.46 30.96
CA VAL F 26 -1.89 25.40 30.30
C VAL F 26 -1.25 25.05 28.97
N LYS F 27 -0.80 26.06 28.22
CA LYS F 27 -0.09 25.80 26.97
C LYS F 27 1.23 25.08 27.22
N ALA F 28 1.90 25.39 28.34
CA ALA F 28 3.13 24.69 28.68
C ALA F 28 2.86 23.24 29.03
N LYS F 29 1.74 22.97 29.70
CA LYS F 29 1.36 21.59 29.99
C LYS F 29 1.01 20.84 28.71
N ILE F 30 0.38 21.51 27.75
CA ILE F 30 0.10 20.89 26.47
C ILE F 30 1.40 20.59 25.73
N GLN F 31 2.39 21.48 25.85
CA GLN F 31 3.67 21.24 25.21
C GLN F 31 4.40 20.06 25.85
N ASP F 32 4.34 19.95 27.17
CA ASP F 32 5.12 18.92 27.85
C ASP F 32 4.51 17.54 27.64
N LYS F 33 3.18 17.44 27.58
CA LYS F 33 2.52 16.15 27.48
C LYS F 33 2.02 15.82 26.08
N GLU F 34 1.85 16.81 25.21
CA GLU F 34 1.36 16.57 23.86
C GLU F 34 2.29 17.07 22.77
N GLY F 35 3.31 17.87 23.09
CA GLY F 35 4.26 18.35 22.12
C GLY F 35 3.80 19.52 21.29
N ILE F 36 2.63 20.10 21.57
CA ILE F 36 2.13 21.24 20.82
C ILE F 36 2.81 22.50 21.32
N PRO F 37 3.50 23.25 20.46
CA PRO F 37 4.19 24.46 20.91
C PRO F 37 3.20 25.49 21.44
N PRO F 38 3.50 26.11 22.57
CA PRO F 38 2.59 27.12 23.12
C PRO F 38 2.41 28.34 22.23
N ASP F 39 3.40 28.64 21.38
CA ASP F 39 3.33 29.82 20.53
C ASP F 39 2.22 29.70 19.48
N GLN F 40 1.89 28.49 19.05
CA GLN F 40 0.85 28.27 18.06
C GLN F 40 -0.53 28.10 18.66
N GLN F 41 -0.65 28.10 19.99
CA GLN F 41 -1.90 27.79 20.65
C GLN F 41 -2.73 29.05 20.85
N ARG F 42 -4.02 28.97 20.51
CA ARG F 42 -4.97 30.06 20.69
C ARG F 42 -6.25 29.47 21.26
N LEU F 43 -6.55 29.80 22.52
CA LEU F 43 -7.67 29.22 23.24
C LEU F 43 -8.89 30.12 23.12
N ILE F 44 -10.04 29.53 22.79
CA ILE F 44 -11.27 30.25 22.52
C ILE F 44 -12.39 29.65 23.36
N PHE F 45 -13.19 30.50 24.01
CA PHE F 45 -14.41 30.07 24.66
C PHE F 45 -15.42 31.20 24.63
N ALA F 46 -16.65 30.88 24.23
CA ALA F 46 -17.75 31.85 24.20
C ALA F 46 -17.38 33.10 23.41
N GLY F 47 -16.60 32.91 22.35
CA GLY F 47 -16.18 34.03 21.54
C GLY F 47 -15.15 34.93 22.19
N LYS F 48 -14.39 34.42 23.15
CA LYS F 48 -13.39 35.19 23.86
C LYS F 48 -12.05 34.47 23.77
N GLN F 49 -11.01 35.19 23.36
CA GLN F 49 -9.66 34.62 23.29
C GLN F 49 -8.95 34.82 24.61
N LEU F 50 -8.31 33.76 25.09
CA LEU F 50 -7.58 33.82 26.35
C LEU F 50 -6.20 34.40 26.14
N GLU F 51 -5.81 35.32 27.02
CA GLU F 51 -4.54 36.02 26.91
C GLU F 51 -3.45 35.31 27.71
N ASP F 52 -2.21 35.39 27.22
CA ASP F 52 -1.12 34.62 27.81
C ASP F 52 -0.87 35.00 29.26
N GLY F 53 -1.03 36.28 29.59
CA GLY F 53 -0.63 36.76 30.91
C GLY F 53 -1.56 36.40 32.04
N ARG F 54 -2.81 36.02 31.73
CA ARG F 54 -3.79 35.77 32.77
C ARG F 54 -3.85 34.28 33.13
N THR F 55 -4.48 34.00 34.27
CA THR F 55 -4.59 32.66 34.80
C THR F 55 -5.99 32.09 34.54
N LEU F 56 -6.18 30.82 34.94
CA LEU F 56 -7.45 30.16 34.69
C LEU F 56 -8.58 30.81 35.48
N SER F 57 -8.29 31.26 36.71
CA SER F 57 -9.31 31.91 37.51
C SER F 57 -9.71 33.28 36.96
N ASP F 58 -8.86 33.89 36.13
CA ASP F 58 -9.19 35.20 35.57
C ASP F 58 -10.35 35.11 34.59
N TYR F 59 -10.55 33.96 33.96
CA TYR F 59 -11.54 33.82 32.89
C TYR F 59 -12.83 33.16 33.36
N ASN F 60 -12.98 32.93 34.66
CA ASN F 60 -14.20 32.33 35.22
C ASN F 60 -14.52 31.00 34.56
N ILE F 61 -13.51 30.12 34.52
CA ILE F 61 -13.68 28.79 33.95
C ILE F 61 -14.44 27.93 34.95
N GLN F 62 -15.65 27.51 34.59
CA GLN F 62 -16.53 26.78 35.49
C GLN F 62 -16.47 25.28 35.21
N LYS F 63 -17.31 24.55 35.94
CA LYS F 63 -17.33 23.09 35.85
C LYS F 63 -17.83 22.64 34.48
N GLU F 64 -17.33 21.47 34.05
CA GLU F 64 -17.72 20.82 32.80
C GLU F 64 -17.41 21.66 31.58
N SER F 65 -16.43 22.55 31.68
CA SER F 65 -16.08 23.41 30.55
C SER F 65 -15.26 22.65 29.52
N THR F 66 -15.39 23.07 28.26
CA THR F 66 -14.61 22.56 27.15
C THR F 66 -13.91 23.72 26.47
N LEU F 67 -12.60 23.63 26.34
CA LEU F 67 -11.79 24.67 25.72
C LEU F 67 -11.53 24.34 24.26
N HIS F 68 -11.38 25.38 23.44
CA HIS F 68 -11.12 25.23 22.03
C HIS F 68 -9.69 25.66 21.73
N LEU F 69 -8.98 24.83 20.95
CA LEU F 69 -7.60 25.10 20.56
C LEU F 69 -7.57 25.42 19.07
N VAL F 70 -7.09 26.61 18.74
CA VAL F 70 -6.91 27.05 17.36
C VAL F 70 -5.43 27.25 17.11
N LEU F 71 -4.95 26.77 15.96
CA LEU F 71 -3.55 26.95 15.58
C LEU F 71 -3.39 28.17 14.68
N ARG G 3 -39.60 -3.62 12.18
CA ARG G 3 -38.20 -3.25 12.11
C ARG G 3 -37.31 -4.47 11.91
N TRP G 4 -36.20 -4.29 11.18
CA TRP G 4 -35.27 -5.38 10.92
C TRP G 4 -33.84 -4.88 11.12
N ALA G 5 -33.01 -5.73 11.73
CA ALA G 5 -31.61 -5.41 11.96
C ALA G 5 -30.78 -5.86 10.77
N CYS G 6 -29.91 -4.98 10.30
CA CYS G 6 -29.05 -5.30 9.16
C CYS G 6 -28.07 -6.41 9.54
N GLN G 7 -27.91 -7.37 8.64
CA GLN G 7 -27.02 -8.50 8.88
C GLN G 7 -25.55 -8.14 8.72
N SER G 8 -25.23 -6.97 8.17
CA SER G 8 -23.86 -6.57 7.91
C SER G 8 -23.31 -5.61 8.96
N CYS G 9 -24.11 -4.61 9.36
CA CYS G 9 -23.65 -3.58 10.29
C CYS G 9 -24.53 -3.47 11.53
N THR G 10 -25.51 -4.37 11.69
CA THR G 10 -26.36 -4.52 12.87
C THR G 10 -27.31 -3.34 13.09
N PHE G 11 -27.37 -2.38 12.18
CA PHE G 11 -28.29 -1.27 12.36
C PHE G 11 -29.72 -1.74 12.18
N GLU G 12 -30.58 -1.38 13.14
CA GLU G 12 -31.99 -1.76 13.09
C GLU G 12 -32.76 -0.71 12.30
N ASN G 13 -33.16 -1.07 11.09
CA ASN G 13 -33.91 -0.18 10.21
C ASN G 13 -35.41 -0.33 10.43
N GLU G 14 -36.15 0.63 9.90
CA GLU G 14 -37.60 0.51 9.88
C GLU G 14 -38.01 -0.69 9.04
N ALA G 15 -39.19 -1.25 9.34
CA ALA G 15 -39.69 -2.38 8.57
C ALA G 15 -39.86 -2.03 7.10
N ALA G 16 -40.12 -0.75 6.80
CA ALA G 16 -40.27 -0.31 5.42
C ALA G 16 -38.95 -0.30 4.66
N ALA G 17 -37.82 -0.22 5.36
CA ALA G 17 -36.54 -0.11 4.68
C ALA G 17 -36.24 -1.36 3.87
N VAL G 18 -35.86 -1.15 2.60
CA VAL G 18 -35.48 -2.25 1.72
C VAL G 18 -33.98 -2.53 1.81
N LEU G 19 -33.17 -1.50 1.68
CA LEU G 19 -31.74 -1.56 1.97
C LEU G 19 -31.48 -0.97 3.35
N CYS G 20 -30.37 -1.37 3.94
CA CYS G 20 -29.95 -0.75 5.20
C CYS G 20 -29.67 0.72 4.96
N SER G 21 -30.17 1.58 5.85
CA SER G 21 -30.02 3.02 5.65
C SER G 21 -28.56 3.47 5.71
N ILE G 22 -27.67 2.63 6.20
CA ILE G 22 -26.29 3.02 6.50
C ILE G 22 -25.29 2.38 5.53
N CYS G 23 -25.32 1.06 5.41
CA CYS G 23 -24.42 0.36 4.50
C CYS G 23 -25.09 -0.01 3.17
N GLU G 24 -26.38 0.27 3.02
CA GLU G 24 -27.13 0.10 1.79
C GLU G 24 -27.13 -1.34 1.28
N ARG G 25 -26.69 -2.29 2.08
CA ARG G 25 -26.75 -3.68 1.65
C ARG G 25 -28.17 -4.22 1.86
N PRO G 26 -28.63 -5.10 0.98
CA PRO G 26 -30.03 -5.53 1.02
C PRO G 26 -30.43 -6.14 2.37
N ARG G 27 -31.74 -6.15 2.61
CA ARG G 27 -32.25 -6.64 3.88
C ARG G 27 -31.93 -8.10 4.12
N LEU G 28 -31.91 -8.90 3.06
CA LEU G 28 -31.72 -10.35 3.17
C LEU G 28 -30.29 -10.79 2.87
N ALA G 29 -29.36 -9.85 2.73
CA ALA G 29 -27.97 -10.19 2.46
C ALA G 29 -27.29 -10.75 3.71
N MET H 1 4.73 -29.47 -5.30
CA MET H 1 5.29 -29.97 -6.55
C MET H 1 5.20 -28.91 -7.64
N GLN H 2 5.96 -29.10 -8.72
CA GLN H 2 6.02 -28.14 -9.81
C GLN H 2 5.20 -28.64 -10.99
N ILE H 3 4.34 -27.76 -11.52
CA ILE H 3 3.54 -28.04 -12.70
C ILE H 3 3.76 -26.91 -13.72
N PHE H 4 3.27 -27.14 -14.93
CA PHE H 4 3.46 -26.21 -16.03
C PHE H 4 2.11 -25.87 -16.66
N VAL H 5 1.94 -24.60 -17.01
CA VAL H 5 0.72 -24.09 -17.62
C VAL H 5 1.09 -23.51 -18.97
N LYS H 6 0.68 -24.18 -20.04
CA LYS H 6 0.99 -23.78 -21.40
C LYS H 6 -0.13 -22.92 -21.96
N THR H 7 0.21 -21.78 -22.55
CA THR H 7 -0.76 -20.94 -23.24
C THR H 7 -0.71 -21.22 -24.73
N LEU H 8 -1.73 -20.73 -25.44
CA LEU H 8 -1.82 -20.93 -26.87
C LEU H 8 -0.88 -20.02 -27.66
N THR H 9 -0.16 -19.13 -27.01
CA THR H 9 0.78 -18.23 -27.67
C THR H 9 2.21 -18.70 -27.57
N GLY H 10 2.44 -19.94 -27.13
CA GLY H 10 3.78 -20.48 -27.04
C GLY H 10 4.53 -20.16 -25.77
N LYS H 11 3.91 -19.46 -24.82
CA LYS H 11 4.55 -19.16 -23.55
C LYS H 11 4.17 -20.20 -22.52
N THR H 12 5.16 -20.66 -21.76
CA THR H 12 4.97 -21.65 -20.70
C THR H 12 5.39 -21.04 -19.38
N ILE H 13 4.49 -21.09 -18.40
CA ILE H 13 4.78 -20.60 -17.05
C ILE H 13 4.95 -21.81 -16.14
N THR H 14 5.84 -21.67 -15.16
CA THR H 14 6.10 -22.71 -14.18
C THR H 14 5.52 -22.29 -12.84
N LEU H 15 4.85 -23.23 -12.17
CA LEU H 15 4.22 -22.97 -10.89
C LEU H 15 4.65 -24.01 -9.87
N GLU H 16 4.74 -23.58 -8.61
CA GLU H 16 4.99 -24.45 -7.48
C GLU H 16 3.69 -24.60 -6.71
N VAL H 17 3.09 -25.79 -6.78
CA VAL H 17 1.79 -26.06 -6.20
C VAL H 17 1.87 -27.33 -5.36
N GLU H 18 0.76 -27.69 -4.75
CA GLU H 18 0.61 -28.95 -4.05
C GLU H 18 -0.64 -29.65 -4.55
N PRO H 19 -0.66 -30.99 -4.55
CA PRO H 19 -1.84 -31.71 -5.03
C PRO H 19 -3.12 -31.35 -4.28
N SER H 20 -3.01 -30.81 -3.07
CA SER H 20 -4.16 -30.39 -2.30
C SER H 20 -4.66 -29.00 -2.69
N ASP H 21 -3.94 -28.27 -3.53
CA ASP H 21 -4.37 -26.94 -3.94
C ASP H 21 -5.62 -27.02 -4.79
N THR H 22 -6.51 -26.05 -4.60
CA THR H 22 -7.71 -25.95 -5.41
C THR H 22 -7.39 -25.28 -6.75
N ILE H 23 -8.31 -25.43 -7.69
CA ILE H 23 -8.17 -24.74 -8.97
C ILE H 23 -8.26 -23.23 -8.77
N GLU H 24 -9.11 -22.80 -7.84
CA GLU H 24 -9.18 -21.38 -7.49
C GLU H 24 -7.83 -20.88 -6.99
N ASN H 25 -7.13 -21.70 -6.20
CA ASN H 25 -5.82 -21.31 -5.70
C ASN H 25 -4.80 -21.24 -6.84
N VAL H 26 -4.88 -22.16 -7.80
CA VAL H 26 -3.95 -22.16 -8.92
C VAL H 26 -4.14 -20.91 -9.77
N LYS H 27 -5.40 -20.53 -10.03
CA LYS H 27 -5.66 -19.31 -10.78
C LYS H 27 -5.16 -18.08 -10.05
N ALA H 28 -5.18 -18.09 -8.71
CA ALA H 28 -4.61 -16.99 -7.95
C ALA H 28 -3.10 -16.93 -8.13
N LYS H 29 -2.44 -18.09 -8.14
CA LYS H 29 -1.00 -18.13 -8.39
C LYS H 29 -0.68 -17.60 -9.79
N ILE H 30 -1.53 -17.92 -10.77
CA ILE H 30 -1.31 -17.42 -12.13
C ILE H 30 -1.51 -15.90 -12.16
N GLN H 31 -2.48 -15.39 -11.41
CA GLN H 31 -2.67 -13.95 -11.31
C GLN H 31 -1.46 -13.28 -10.66
N ASP H 32 -0.88 -13.94 -9.65
CA ASP H 32 0.21 -13.31 -8.91
C ASP H 32 1.44 -13.09 -9.78
N LYS H 33 1.75 -14.05 -10.66
CA LYS H 33 2.95 -13.97 -11.47
C LYS H 33 2.72 -13.48 -12.89
N GLU H 34 1.46 -13.44 -13.35
CA GLU H 34 1.15 -12.99 -14.70
C GLU H 34 0.11 -11.89 -14.75
N GLY H 35 -0.45 -11.48 -13.61
CA GLY H 35 -1.42 -10.40 -13.60
C GLY H 35 -2.74 -10.70 -14.26
N ILE H 36 -3.02 -11.95 -14.61
CA ILE H 36 -4.27 -12.32 -15.27
C ILE H 36 -5.36 -12.47 -14.21
N PRO H 37 -6.41 -11.67 -14.26
CA PRO H 37 -7.52 -11.85 -13.31
C PRO H 37 -8.12 -13.23 -13.42
N PRO H 38 -8.40 -13.90 -12.29
CA PRO H 38 -8.90 -15.28 -12.36
C PRO H 38 -10.20 -15.42 -13.13
N ASP H 39 -11.00 -14.36 -13.24
CA ASP H 39 -12.24 -14.42 -14.00
C ASP H 39 -12.00 -14.65 -15.49
N GLN H 40 -10.83 -14.23 -16.00
CA GLN H 40 -10.46 -14.52 -17.37
C GLN H 40 -9.89 -15.92 -17.56
N GLN H 41 -9.35 -16.52 -16.51
CA GLN H 41 -8.60 -17.75 -16.63
C GLN H 41 -9.53 -18.95 -16.78
N ARG H 42 -9.31 -19.73 -17.84
CA ARG H 42 -9.98 -21.00 -18.04
C ARG H 42 -8.91 -22.06 -18.21
N LEU H 43 -8.86 -23.01 -17.27
CA LEU H 43 -7.80 -24.01 -17.22
C LEU H 43 -8.30 -25.33 -17.82
N ILE H 44 -7.51 -25.88 -18.74
CA ILE H 44 -7.83 -27.12 -19.43
C ILE H 44 -6.77 -28.15 -19.09
N PHE H 45 -7.21 -29.37 -18.76
CA PHE H 45 -6.29 -30.48 -18.53
C PHE H 45 -6.90 -31.74 -19.11
N ALA H 46 -6.11 -32.45 -19.92
CA ALA H 46 -6.54 -33.70 -20.55
C ALA H 46 -7.85 -33.52 -21.31
N GLY H 47 -7.99 -32.40 -22.00
CA GLY H 47 -9.19 -32.15 -22.78
C GLY H 47 -10.42 -31.80 -21.97
N LYS H 48 -10.29 -31.67 -20.65
CA LYS H 48 -11.41 -31.32 -19.79
C LYS H 48 -11.15 -29.96 -19.15
N GLN H 49 -12.21 -29.15 -19.08
CA GLN H 49 -12.16 -27.86 -18.43
C GLN H 49 -12.32 -28.02 -16.93
N LEU H 50 -11.37 -27.48 -16.17
CA LEU H 50 -11.33 -27.67 -14.73
C LEU H 50 -12.27 -26.69 -14.02
N GLU H 51 -12.89 -27.16 -12.95
CA GLU H 51 -13.79 -26.34 -12.15
C GLU H 51 -13.05 -25.82 -10.93
N ASP H 52 -13.36 -24.58 -10.52
CA ASP H 52 -12.60 -23.90 -9.49
C ASP H 52 -12.58 -24.68 -8.19
N GLY H 53 -13.69 -25.33 -7.84
CA GLY H 53 -13.82 -25.92 -6.51
C GLY H 53 -13.02 -27.18 -6.29
N ARG H 54 -12.62 -27.85 -7.37
CA ARG H 54 -11.92 -29.13 -7.25
C ARG H 54 -10.44 -28.90 -6.92
N THR H 55 -9.77 -29.98 -6.54
CA THR H 55 -8.34 -29.97 -6.29
C THR H 55 -7.60 -30.63 -7.44
N LEU H 56 -6.27 -30.54 -7.39
CA LEU H 56 -5.45 -31.16 -8.42
C LEU H 56 -5.51 -32.68 -8.34
N SER H 57 -5.60 -33.22 -7.12
CA SER H 57 -5.75 -34.66 -6.97
C SER H 57 -7.11 -35.15 -7.47
N ASP H 58 -8.13 -34.29 -7.42
CA ASP H 58 -9.43 -34.67 -7.96
C ASP H 58 -9.34 -34.95 -9.46
N TYR H 59 -8.62 -34.12 -10.19
CA TYR H 59 -8.33 -34.37 -11.59
C TYR H 59 -7.09 -35.24 -11.80
N ASN H 60 -6.51 -35.74 -10.71
CA ASN H 60 -5.33 -36.61 -10.75
C ASN H 60 -4.19 -35.93 -11.51
N ILE H 61 -3.97 -34.66 -11.21
CA ILE H 61 -2.87 -33.90 -11.78
C ILE H 61 -1.63 -34.17 -10.95
N GLN H 62 -0.65 -34.84 -11.54
CA GLN H 62 0.57 -35.20 -10.86
C GLN H 62 1.68 -34.19 -11.19
N LYS H 63 2.86 -34.44 -10.64
CA LYS H 63 3.99 -33.56 -10.86
C LYS H 63 4.38 -33.54 -12.33
N GLU H 64 4.83 -32.37 -12.78
CA GLU H 64 5.27 -32.14 -14.16
C GLU H 64 4.13 -32.29 -15.18
N SER H 65 2.88 -32.27 -14.73
CA SER H 65 1.76 -32.25 -15.64
C SER H 65 1.68 -30.91 -16.34
N THR H 66 1.05 -30.90 -17.51
CA THR H 66 0.93 -29.70 -18.34
C THR H 66 -0.54 -29.36 -18.53
N LEU H 67 -0.92 -28.17 -18.07
CA LEU H 67 -2.26 -27.64 -18.29
C LEU H 67 -2.21 -26.56 -19.36
N HIS H 68 -3.34 -26.34 -20.01
CA HIS H 68 -3.47 -25.30 -21.02
C HIS H 68 -4.35 -24.18 -20.49
N LEU H 69 -3.94 -22.95 -20.77
CA LEU H 69 -4.61 -21.75 -20.26
C LEU H 69 -5.26 -21.02 -21.43
N VAL H 70 -6.59 -20.98 -21.43
CA VAL H 70 -7.36 -20.19 -22.38
C VAL H 70 -7.82 -18.92 -21.67
N LEU H 71 -7.64 -17.79 -22.32
CA LEU H 71 -7.98 -16.49 -21.75
C LEU H 71 -9.32 -16.02 -22.28
N ARG H 72 -10.17 -15.52 -21.38
CA ARG H 72 -11.39 -14.88 -21.80
C ARG H 72 -11.09 -13.53 -22.46
N LEU H 73 -12.06 -13.02 -23.20
CA LEU H 73 -11.95 -11.70 -23.80
C LEU H 73 -12.69 -10.62 -23.01
N ARG H 74 -13.80 -10.98 -22.34
CA ARG H 74 -14.69 -10.00 -21.76
C ARG H 74 -14.56 -10.09 -20.24
N GLY H 75 -15.52 -10.68 -19.54
CA GLY H 75 -15.55 -10.62 -18.09
C GLY H 75 -16.90 -10.12 -17.62
N CYS H 76 -17.18 -8.85 -17.88
CA CYS H 76 -18.49 -8.25 -17.62
C CYS H 76 -18.60 -6.88 -18.29
N MET I 1 -8.88 0.28 28.05
CA MET I 1 -9.68 -0.92 27.81
C MET I 1 -9.75 -1.23 26.31
N GLN I 2 -9.89 -2.50 25.98
CA GLN I 2 -9.97 -2.91 24.58
C GLN I 2 -11.39 -2.80 24.06
N ILE I 3 -11.53 -2.28 22.84
CA ILE I 3 -12.77 -2.37 22.08
C ILE I 3 -12.40 -2.83 20.67
N PHE I 4 -13.36 -3.45 20.00
CA PHE I 4 -13.15 -4.05 18.70
C PHE I 4 -13.97 -3.33 17.64
N VAL I 5 -13.38 -3.17 16.46
CA VAL I 5 -14.02 -2.52 15.32
C VAL I 5 -13.92 -3.49 14.15
N LYS I 6 -15.04 -4.12 13.80
CA LYS I 6 -15.10 -5.07 12.69
C LYS I 6 -15.54 -4.35 11.43
N THR I 7 -14.81 -4.58 10.34
CA THR I 7 -15.12 -3.98 9.06
C THR I 7 -15.92 -4.98 8.20
N LEU I 8 -16.43 -4.47 7.07
CA LEU I 8 -17.19 -5.32 6.17
C LEU I 8 -16.33 -6.30 5.39
N THR I 9 -15.00 -6.19 5.50
CA THR I 9 -14.08 -7.00 4.71
C THR I 9 -13.47 -8.14 5.52
N GLY I 10 -13.96 -8.41 6.73
CA GLY I 10 -13.42 -9.46 7.55
C GLY I 10 -12.19 -9.10 8.34
N LYS I 11 -11.79 -7.83 8.34
CA LYS I 11 -10.66 -7.36 9.14
C LYS I 11 -11.18 -6.73 10.42
N THR I 12 -10.59 -7.11 11.55
CA THR I 12 -10.96 -6.60 12.86
C THR I 12 -9.76 -5.92 13.50
N ILE I 13 -9.95 -4.69 13.97
CA ILE I 13 -8.90 -3.90 14.59
C ILE I 13 -9.20 -3.76 16.08
N THR I 14 -8.14 -3.81 16.88
CA THR I 14 -8.23 -3.67 18.33
C THR I 14 -7.81 -2.27 18.74
N LEU I 15 -8.59 -1.66 19.62
CA LEU I 15 -8.33 -0.30 20.07
C LEU I 15 -8.27 -0.26 21.59
N GLU I 16 -7.46 0.66 22.11
CA GLU I 16 -7.40 0.97 23.54
C GLU I 16 -8.01 2.34 23.75
N VAL I 17 -9.12 2.40 24.48
CA VAL I 17 -9.89 3.62 24.66
C VAL I 17 -10.30 3.74 26.12
N GLU I 18 -10.91 4.88 26.45
CA GLU I 18 -11.51 5.13 27.74
C GLU I 18 -12.98 5.52 27.57
N PRO I 19 -13.83 5.15 28.52
CA PRO I 19 -15.28 5.43 28.37
C PRO I 19 -15.59 6.91 28.20
N SER I 20 -14.72 7.81 28.66
CA SER I 20 -14.93 9.23 28.49
C SER I 20 -14.57 9.73 27.10
N ASP I 21 -14.01 8.88 26.24
CA ASP I 21 -13.62 9.32 24.91
C ASP I 21 -14.83 9.60 24.03
N THR I 22 -14.71 10.61 23.19
CA THR I 22 -15.76 10.94 22.24
C THR I 22 -15.73 9.97 21.06
N ILE I 23 -16.82 9.98 20.28
CA ILE I 23 -16.85 9.20 19.05
C ILE I 23 -15.84 9.74 18.05
N GLU I 24 -15.65 11.07 18.04
CA GLU I 24 -14.65 11.66 17.17
C GLU I 24 -13.24 11.28 17.57
N ASN I 25 -12.99 11.12 18.88
CA ASN I 25 -11.69 10.66 19.33
C ASN I 25 -11.44 9.21 18.90
N VAL I 26 -12.49 8.40 18.88
CA VAL I 26 -12.36 7.02 18.40
C VAL I 26 -12.08 7.01 16.90
N LYS I 27 -12.81 7.83 16.14
CA LYS I 27 -12.55 7.91 14.71
C LYS I 27 -11.15 8.40 14.40
N ALA I 28 -10.62 9.30 15.24
CA ALA I 28 -9.23 9.72 15.08
C ALA I 28 -8.28 8.55 15.33
N LYS I 29 -8.58 7.73 16.35
CA LYS I 29 -7.75 6.55 16.61
C LYS I 29 -7.84 5.55 15.47
N ILE I 30 -9.00 5.47 14.80
CA ILE I 30 -9.14 4.59 13.65
C ILE I 30 -8.27 5.09 12.50
N GLN I 31 -8.23 6.40 12.29
CA GLN I 31 -7.36 6.95 11.26
C GLN I 31 -5.90 6.73 11.59
N ASP I 32 -5.53 6.85 12.87
CA ASP I 32 -4.13 6.70 13.24
C ASP I 32 -3.62 5.28 13.01
N LYS I 33 -4.49 4.29 13.21
CA LYS I 33 -4.07 2.90 13.10
C LYS I 33 -4.23 2.34 11.69
N GLU I 34 -5.20 2.83 10.91
CA GLU I 34 -5.48 2.25 9.61
C GLU I 34 -5.56 3.27 8.48
N GLY I 35 -5.32 4.55 8.75
CA GLY I 35 -5.36 5.56 7.70
C GLY I 35 -6.72 5.86 7.13
N ILE I 36 -7.79 5.42 7.79
CA ILE I 36 -9.15 5.65 7.31
C ILE I 36 -9.59 7.06 7.69
N PRO I 37 -9.95 7.91 6.73
CA PRO I 37 -10.37 9.27 7.06
C PRO I 37 -11.61 9.27 7.93
N PRO I 38 -11.64 10.10 8.97
CA PRO I 38 -12.82 10.11 9.87
C PRO I 38 -14.10 10.54 9.17
N ASP I 39 -14.00 11.31 8.09
CA ASP I 39 -15.20 11.76 7.39
C ASP I 39 -15.94 10.63 6.70
N GLN I 40 -15.28 9.49 6.46
CA GLN I 40 -15.92 8.34 5.84
C GLN I 40 -16.38 7.29 6.84
N GLN I 41 -16.10 7.47 8.13
CA GLN I 41 -16.35 6.44 9.13
C GLN I 41 -17.73 6.60 9.72
N ARG I 42 -18.46 5.49 9.81
CA ARG I 42 -19.75 5.42 10.50
C ARG I 42 -19.71 4.23 11.43
N LEU I 43 -19.90 4.47 12.72
CA LEU I 43 -19.75 3.46 13.75
C LEU I 43 -21.11 3.10 14.34
N ILE I 44 -21.39 1.80 14.39
CA ILE I 44 -22.70 1.28 14.80
C ILE I 44 -22.51 0.39 16.03
N PHE I 45 -23.41 0.53 16.99
CA PHE I 45 -23.40 -0.32 18.19
C PHE I 45 -24.83 -0.55 18.63
N ALA I 46 -25.20 -1.83 18.78
CA ALA I 46 -26.53 -2.23 19.25
C ALA I 46 -27.63 -1.61 18.40
N GLY I 47 -27.44 -1.62 17.08
CA GLY I 47 -28.46 -1.09 16.19
C GLY I 47 -28.57 0.41 16.16
N LYS I 48 -27.71 1.13 16.86
CA LYS I 48 -27.74 2.58 16.93
C LYS I 48 -26.45 3.16 16.37
N GLN I 49 -26.58 4.20 15.56
CA GLN I 49 -25.41 4.92 15.08
C GLN I 49 -24.88 5.82 16.17
N LEU I 50 -23.56 5.81 16.35
CA LEU I 50 -22.92 6.58 17.40
C LEU I 50 -22.75 8.02 16.94
N GLU I 51 -23.11 8.96 17.82
CA GLU I 51 -23.12 10.38 17.48
C GLU I 51 -21.86 11.06 18.00
N ASP I 52 -21.36 12.03 17.21
CA ASP I 52 -20.07 12.65 17.50
C ASP I 52 -20.04 13.26 18.89
N GLY I 53 -21.13 13.88 19.32
CA GLY I 53 -21.14 14.59 20.59
C GLY I 53 -21.23 13.73 21.83
N ARG I 54 -21.45 12.43 21.68
CA ARG I 54 -21.62 11.55 22.82
C ARG I 54 -20.32 10.83 23.17
N THR I 55 -20.26 10.34 24.40
CA THR I 55 -19.13 9.57 24.89
C THR I 55 -19.43 8.07 24.80
N LEU I 56 -18.41 7.27 25.13
CA LEU I 56 -18.64 5.83 25.22
C LEU I 56 -19.57 5.51 26.38
N SER I 57 -19.44 6.24 27.49
CA SER I 57 -20.36 6.06 28.61
C SER I 57 -21.79 6.42 28.23
N ASP I 58 -21.97 7.36 27.30
CA ASP I 58 -23.30 7.72 26.84
C ASP I 58 -24.01 6.50 26.25
N TYR I 59 -23.29 5.67 25.51
CA TYR I 59 -23.85 4.46 24.92
C TYR I 59 -23.62 3.23 25.79
N ASN I 60 -23.06 3.38 26.98
CA ASN I 60 -22.78 2.28 27.90
C ASN I 60 -21.92 1.21 27.21
N ILE I 61 -20.89 1.66 26.51
CA ILE I 61 -19.95 0.77 25.84
C ILE I 61 -18.88 0.36 26.84
N GLN I 62 -18.88 -0.91 27.23
CA GLN I 62 -17.90 -1.42 28.17
C GLN I 62 -16.71 -2.01 27.41
N LYS I 63 -15.76 -2.57 28.17
CA LYS I 63 -14.55 -3.11 27.55
C LYS I 63 -14.88 -4.35 26.74
N GLU I 64 -14.08 -4.57 25.70
CA GLU I 64 -14.24 -5.68 24.75
C GLU I 64 -15.57 -5.64 24.01
N SER I 65 -16.24 -4.48 24.01
CA SER I 65 -17.38 -4.30 23.14
C SER I 65 -16.93 -4.23 21.69
N THR I 66 -17.84 -4.61 20.78
CA THR I 66 -17.54 -4.67 19.36
C THR I 66 -18.42 -3.70 18.61
N LEU I 67 -17.81 -2.69 18.00
CA LEU I 67 -18.50 -1.76 17.12
C LEU I 67 -18.34 -2.21 15.68
N HIS I 68 -19.28 -1.78 14.84
CA HIS I 68 -19.25 -2.10 13.42
C HIS I 68 -18.89 -0.86 12.63
N LEU I 69 -17.94 -1.00 11.72
CA LEU I 69 -17.41 0.12 10.93
C LEU I 69 -18.02 0.07 9.55
N VAL I 70 -18.88 1.03 9.25
CA VAL I 70 -19.39 1.25 7.89
C VAL I 70 -18.61 2.40 7.29
N LEU I 71 -18.18 2.23 6.04
CA LEU I 71 -17.42 3.27 5.37
C LEU I 71 -18.29 4.06 4.41
N ARG I 72 -17.71 4.50 3.30
CA ARG I 72 -18.47 5.15 2.24
C ARG I 72 -17.77 4.96 0.90
N LEU I 73 -16.91 3.96 0.77
CA LEU I 73 -16.00 3.83 -0.37
C LEU I 73 -16.78 3.33 -1.59
N ARG I 74 -17.20 4.26 -2.44
CA ARG I 74 -17.81 3.99 -3.74
C ARG I 74 -19.07 3.12 -3.64
N GLY I 75 -19.53 2.80 -2.43
CA GLY I 75 -20.71 1.97 -2.28
C GLY I 75 -20.58 0.58 -2.85
N CYS I 76 -19.80 -0.28 -2.21
CA CYS I 76 -19.69 -1.67 -2.62
C CYS I 76 -20.86 -2.47 -2.06
#